data_7DNE
#
_entry.id   7DNE
#
_cell.length_a   27.330
_cell.length_b   51.800
_cell.length_c   57.210
_cell.angle_alpha   78.970
_cell.angle_beta   80.890
_cell.angle_gamma   80.420
#
_symmetry.space_group_name_H-M   'P 1'
#
loop_
_entity.id
_entity.type
_entity.pdbx_description
1 polymer 'DARPin 5m3_D12'
2 polymer 'V3-IY (MN) crown mimetic peptide'
3 water water
#
loop_
_entity_poly.entity_id
_entity_poly.type
_entity_poly.pdbx_seq_one_letter_code
_entity_poly.pdbx_strand_id
1 'polypeptide(L)'
;DLGKKLLEAARAGQDDEVRILLANGADVNTADETGFTPLHLAAWEGHLGIVEVLLKNGADVNANDERGHTPLHLAAYTGH
LEIVEVLLKNGAGVNATDVIGTAPLHLAAMWGHLEIVEVLLKNGADVNIQDKFGKTAFDISIDNGNEDLAEILQKLN
;
A,B
2 'polypeptide(L)' KRIHIGPGRAFYTT(DPR)P C,D
#
# COMPACT_ATOMS: atom_id res chain seq x y z
N ASP A 1 16.85 -14.39 -1.50
CA ASP A 1 16.56 -14.54 -0.08
C ASP A 1 15.31 -13.76 0.30
N LEU A 2 15.49 -12.60 0.93
CA LEU A 2 14.34 -11.75 1.23
C LEU A 2 13.72 -11.20 -0.06
N GLY A 3 14.54 -10.86 -1.06
CA GLY A 3 13.99 -10.41 -2.32
C GLY A 3 13.15 -11.47 -3.00
N LYS A 4 13.63 -12.71 -2.99
CA LYS A 4 12.86 -13.80 -3.59
C LYS A 4 11.49 -13.93 -2.92
N LYS A 5 11.47 -13.98 -1.59
CA LYS A 5 10.19 -14.07 -0.89
C LYS A 5 9.29 -12.90 -1.24
N LEU A 6 9.84 -11.69 -1.32
CA LEU A 6 9.02 -10.52 -1.64
C LEU A 6 8.43 -10.64 -3.04
N LEU A 7 9.18 -11.20 -3.98
CA LEU A 7 8.65 -11.44 -5.32
C LEU A 7 7.45 -12.38 -5.27
N GLU A 8 7.60 -13.52 -4.59
CA GLU A 8 6.52 -14.49 -4.53
C GLU A 8 5.31 -13.92 -3.78
N ALA A 9 5.56 -13.20 -2.70
CA ALA A 9 4.46 -12.64 -1.92
C ALA A 9 3.67 -11.61 -2.73
N ALA A 10 4.37 -10.77 -3.49
CA ALA A 10 3.68 -9.84 -4.38
C ALA A 10 2.90 -10.59 -5.46
N ARG A 11 3.48 -11.66 -5.98
CA ARG A 11 2.81 -12.47 -7.00
C ARG A 11 1.57 -13.15 -6.46
N ALA A 12 1.60 -13.58 -5.20
CA ALA A 12 0.52 -14.35 -4.61
C ALA A 12 -0.56 -13.48 -3.99
N GLY A 13 -0.39 -12.16 -3.98
CA GLY A 13 -1.40 -11.29 -3.42
C GLY A 13 -1.45 -11.31 -1.90
N GLN A 14 -0.33 -11.56 -1.25
CA GLN A 14 -0.25 -11.65 0.21
C GLN A 14 0.20 -10.30 0.75
N ASP A 15 -0.79 -9.41 0.92
CA ASP A 15 -0.49 -8.04 1.34
C ASP A 15 0.25 -8.01 2.67
N ASP A 16 -0.18 -8.83 3.63
CA ASP A 16 0.47 -8.82 4.93
C ASP A 16 1.93 -9.26 4.81
N GLU A 17 2.17 -10.34 4.08
CA GLU A 17 3.54 -10.86 3.95
C GLU A 17 4.44 -9.89 3.20
N VAL A 18 3.90 -9.15 2.24
CA VAL A 18 4.69 -8.12 1.59
C VAL A 18 5.16 -7.08 2.61
N ARG A 19 4.25 -6.65 3.49
CA ARG A 19 4.62 -5.66 4.50
C ARG A 19 5.66 -6.22 5.47
N ILE A 20 5.48 -7.45 5.91
CA ILE A 20 6.47 -8.07 6.79
C ILE A 20 7.85 -8.02 6.17
N LEU A 21 7.96 -8.50 4.93
CA LEU A 21 9.27 -8.60 4.29
C LEU A 21 9.90 -7.24 4.09
N LEU A 22 9.11 -6.25 3.68
CA LEU A 22 9.64 -4.89 3.59
C LEU A 22 10.14 -4.40 4.94
N ALA A 23 9.39 -4.67 6.01
CA ALA A 23 9.82 -4.28 7.34
C ALA A 23 11.12 -4.96 7.75
N ASN A 24 11.37 -6.17 7.23
CA ASN A 24 12.60 -6.90 7.52
C ASN A 24 13.69 -6.62 6.51
N GLY A 25 13.55 -5.56 5.72
CA GLY A 25 14.64 -5.10 4.87
C GLY A 25 14.66 -5.65 3.47
N ALA A 26 13.57 -6.23 2.99
CA ALA A 26 13.53 -6.75 1.62
C ALA A 26 13.67 -5.61 0.63
N ASP A 27 14.50 -5.82 -0.39
CA ASP A 27 14.71 -4.82 -1.44
C ASP A 27 13.42 -4.68 -2.24
N VAL A 28 12.72 -3.55 -2.05
CA VAL A 28 11.47 -3.32 -2.76
C VAL A 28 11.66 -3.41 -4.26
N ASN A 29 12.89 -3.20 -4.75
CA ASN A 29 13.18 -3.22 -6.17
C ASN A 29 14.03 -4.44 -6.56
N THR A 30 13.98 -5.50 -5.78
CA THR A 30 14.61 -6.74 -6.19
C THR A 30 14.05 -7.21 -7.53
N ALA A 31 14.87 -7.93 -8.29
CA ALA A 31 14.47 -8.33 -9.64
C ALA A 31 14.91 -9.76 -9.91
N ASP A 32 14.02 -10.54 -10.51
CA ASP A 32 14.33 -11.91 -10.89
C ASP A 32 15.13 -11.91 -12.19
N GLU A 33 15.34 -13.11 -12.75
CA GLU A 33 16.17 -13.23 -13.95
C GLU A 33 15.56 -12.51 -15.15
N THR A 34 14.24 -12.51 -15.28
CA THR A 34 13.57 -11.81 -16.35
C THR A 34 13.47 -10.31 -16.12
N GLY A 35 13.88 -9.83 -14.95
CA GLY A 35 13.83 -8.42 -14.63
C GLY A 35 12.57 -7.95 -13.94
N PHE A 36 11.69 -8.87 -13.55
CA PHE A 36 10.45 -8.48 -12.89
C PHE A 36 10.74 -8.05 -11.45
N THR A 37 10.25 -6.88 -11.07
CA THR A 37 10.24 -6.47 -9.67
C THR A 37 8.90 -6.79 -9.03
N PRO A 38 8.81 -6.76 -7.70
CA PRO A 38 7.52 -7.02 -7.06
C PRO A 38 6.38 -6.19 -7.65
N LEU A 39 6.66 -4.94 -8.03
CA LEU A 39 5.63 -4.09 -8.59
C LEU A 39 5.17 -4.59 -9.96
N HIS A 40 6.11 -5.10 -10.77
CA HIS A 40 5.71 -5.80 -11.99
C HIS A 40 4.69 -6.88 -11.68
N LEU A 41 5.04 -7.78 -10.77
CA LEU A 41 4.21 -8.96 -10.50
C LEU A 41 2.87 -8.57 -9.90
N ALA A 42 2.85 -7.58 -9.02
CA ALA A 42 1.58 -7.14 -8.43
C ALA A 42 0.67 -6.53 -9.50
N ALA A 43 1.24 -5.71 -10.38
CA ALA A 43 0.45 -5.14 -11.47
C ALA A 43 -0.05 -6.23 -12.41
N TRP A 44 0.79 -7.22 -12.70
CA TRP A 44 0.39 -8.30 -13.60
C TRP A 44 -0.73 -9.14 -13.01
N GLU A 45 -0.63 -9.45 -11.72
CA GLU A 45 -1.62 -10.29 -11.06
C GLU A 45 -2.84 -9.51 -10.59
N GLY A 46 -2.78 -8.18 -10.60
CA GLY A 46 -3.93 -7.37 -10.26
C GLY A 46 -4.09 -7.06 -8.79
N HIS A 47 -3.01 -7.07 -8.02
CA HIS A 47 -3.07 -6.86 -6.57
C HIS A 47 -2.86 -5.39 -6.28
N LEU A 48 -3.97 -4.65 -6.32
CA LEU A 48 -3.90 -3.20 -6.17
C LEU A 48 -3.33 -2.80 -4.80
N GLY A 49 -3.76 -3.48 -3.74
CA GLY A 49 -3.23 -3.14 -2.43
C GLY A 49 -1.73 -3.27 -2.35
N ILE A 50 -1.18 -4.32 -2.95
CA ILE A 50 0.27 -4.51 -2.91
C ILE A 50 0.98 -3.45 -3.73
N VAL A 51 0.46 -3.15 -4.92
CA VAL A 51 0.99 -2.04 -5.70
C VAL A 51 1.09 -0.79 -4.85
N GLU A 52 0.04 -0.49 -4.09
CA GLU A 52 0.03 0.70 -3.24
C GLU A 52 1.14 0.64 -2.19
N VAL A 53 1.25 -0.50 -1.51
CA VAL A 53 2.28 -0.66 -0.48
C VAL A 53 3.66 -0.52 -1.09
N LEU A 54 3.91 -1.21 -2.21
CA LEU A 54 5.23 -1.15 -2.83
C LEU A 54 5.60 0.27 -3.20
N LEU A 55 4.65 1.02 -3.76
CA LEU A 55 4.93 2.39 -4.17
C LEU A 55 5.19 3.29 -2.96
N LYS A 56 4.43 3.11 -1.88
CA LYS A 56 4.70 3.86 -0.67
C LYS A 56 6.07 3.50 -0.09
N ASN A 57 6.54 2.27 -0.34
CA ASN A 57 7.82 1.78 0.16
C ASN A 57 8.95 1.95 -0.85
N GLY A 58 8.80 2.88 -1.79
CA GLY A 58 9.90 3.28 -2.63
C GLY A 58 10.07 2.50 -3.92
N ALA A 59 9.05 1.76 -4.35
CA ALA A 59 9.19 0.96 -5.56
C ALA A 59 9.44 1.84 -6.78
N ASP A 60 10.24 1.32 -7.71
CA ASP A 60 10.53 2.02 -8.97
C ASP A 60 9.34 1.84 -9.89
N VAL A 61 8.56 2.91 -10.08
CA VAL A 61 7.35 2.82 -10.88
C VAL A 61 7.65 2.57 -12.35
N ASN A 62 8.88 2.85 -12.80
CA ASN A 62 9.24 2.74 -14.21
C ASN A 62 10.32 1.69 -14.44
N ALA A 63 10.44 0.73 -13.53
CA ALA A 63 11.36 -0.38 -13.74
C ALA A 63 11.02 -1.13 -15.02
N ASN A 64 12.04 -1.40 -15.84
CA ASN A 64 11.88 -2.17 -17.07
C ASN A 64 12.35 -3.60 -16.83
N ASP A 65 11.51 -4.57 -17.17
CA ASP A 65 12.01 -5.94 -17.30
C ASP A 65 12.85 -6.04 -18.57
N GLU A 66 13.38 -7.24 -18.83
CA GLU A 66 14.30 -7.41 -19.95
C GLU A 66 13.66 -7.17 -21.30
N ARG A 67 12.33 -7.13 -21.37
CA ARG A 67 11.62 -6.82 -22.61
C ARG A 67 11.27 -5.35 -22.74
N GLY A 68 11.68 -4.51 -21.79
CA GLY A 68 11.30 -3.12 -21.79
C GLY A 68 9.91 -2.84 -21.25
N HIS A 69 9.26 -3.81 -20.62
CA HIS A 69 7.93 -3.64 -20.07
C HIS A 69 8.03 -3.08 -18.66
N THR A 70 7.28 -2.03 -18.40
CA THR A 70 7.12 -1.46 -17.08
C THR A 70 5.86 -2.00 -16.41
N PRO A 71 5.68 -1.75 -15.12
CA PRO A 71 4.43 -2.20 -14.47
C PRO A 71 3.19 -1.68 -15.17
N LEU A 72 3.24 -0.50 -15.76
CA LEU A 72 2.09 0.03 -16.47
C LEU A 72 1.80 -0.75 -17.74
N HIS A 73 2.86 -1.18 -18.43
CA HIS A 73 2.66 -2.11 -19.55
C HIS A 73 1.89 -3.34 -19.11
N LEU A 74 2.27 -3.92 -17.97
CA LEU A 74 1.65 -5.16 -17.53
C LEU A 74 0.22 -4.93 -17.07
N ALA A 75 -0.03 -3.84 -16.34
CA ALA A 75 -1.40 -3.51 -15.95
C ALA A 75 -2.27 -3.23 -17.17
N ALA A 76 -1.71 -2.54 -18.17
CA ALA A 76 -2.47 -2.25 -19.39
C ALA A 76 -2.87 -3.54 -20.11
N TYR A 77 -1.91 -4.45 -20.28
CA TYR A 77 -2.16 -5.70 -20.98
C TYR A 77 -3.15 -6.57 -20.22
N THR A 78 -3.00 -6.66 -18.90
CA THR A 78 -3.88 -7.50 -18.10
C THR A 78 -5.21 -6.84 -17.75
N GLY A 79 -5.43 -5.60 -18.18
CA GLY A 79 -6.70 -4.94 -17.97
C GLY A 79 -7.01 -4.57 -16.54
N HIS A 80 -6.01 -4.18 -15.76
CA HIS A 80 -6.18 -3.85 -14.34
C HIS A 80 -6.31 -2.34 -14.22
N LEU A 81 -7.54 -1.86 -14.36
CA LEU A 81 -7.78 -0.43 -14.48
C LEU A 81 -7.33 0.32 -13.24
N GLU A 82 -7.70 -0.16 -12.05
CA GLU A 82 -7.31 0.54 -10.84
C GLU A 82 -5.80 0.69 -10.75
N ILE A 83 -5.05 -0.38 -11.07
CA ILE A 83 -3.60 -0.32 -11.00
C ILE A 83 -3.04 0.64 -12.04
N VAL A 84 -3.61 0.63 -13.25
CA VAL A 84 -3.19 1.60 -14.25
C VAL A 84 -3.26 3.01 -13.66
N GLU A 85 -4.39 3.34 -13.04
CA GLU A 85 -4.60 4.68 -12.50
C GLU A 85 -3.59 4.98 -11.41
N VAL A 86 -3.38 4.04 -10.50
CA VAL A 86 -2.44 4.26 -9.40
C VAL A 86 -1.04 4.51 -9.94
N LEU A 87 -0.61 3.69 -10.90
CA LEU A 87 0.71 3.88 -11.49
C LEU A 87 0.82 5.25 -12.12
N LEU A 88 -0.17 5.63 -12.93
CA LEU A 88 -0.16 6.98 -13.50
C LEU A 88 -0.19 8.04 -12.41
N LYS A 89 -0.94 7.80 -11.32
CA LYS A 89 -0.90 8.70 -10.18
C LYS A 89 0.50 8.87 -9.63
N ASN A 90 1.33 7.83 -9.76
CA ASN A 90 2.69 7.83 -9.24
C ASN A 90 3.72 8.05 -10.33
N GLY A 91 3.33 8.76 -11.39
CA GLY A 91 4.30 9.19 -12.38
C GLY A 91 4.72 8.14 -13.38
N ALA A 92 3.98 7.06 -13.52
CA ALA A 92 4.29 6.07 -14.54
C ALA A 92 4.34 6.72 -15.91
N GLY A 93 5.36 6.36 -16.70
CA GLY A 93 5.47 6.85 -18.04
C GLY A 93 4.34 6.34 -18.92
N VAL A 94 3.40 7.22 -19.28
CA VAL A 94 2.23 6.79 -20.03
C VAL A 94 2.60 6.41 -21.47
N ASN A 95 3.70 6.94 -22.00
CA ASN A 95 4.14 6.65 -23.35
C ASN A 95 5.40 5.78 -23.37
N ALA A 96 5.72 5.11 -22.27
CA ALA A 96 6.89 4.25 -22.23
C ALA A 96 6.75 3.14 -23.28
N THR A 97 7.86 2.83 -23.95
CA THR A 97 7.85 1.87 -25.04
C THR A 97 8.77 0.70 -24.73
N ASP A 98 8.29 -0.50 -25.05
CA ASP A 98 9.10 -1.71 -24.91
C ASP A 98 10.05 -1.84 -26.10
N VAL A 99 10.79 -2.95 -26.14
CA VAL A 99 11.93 -3.03 -27.04
C VAL A 99 11.54 -2.93 -28.51
N ILE A 100 10.27 -3.09 -28.85
CA ILE A 100 9.83 -2.93 -30.23
C ILE A 100 8.88 -1.74 -30.37
N GLY A 101 8.93 -0.80 -29.44
CA GLY A 101 8.15 0.42 -29.55
C GLY A 101 6.71 0.35 -29.09
N THR A 102 6.33 -0.67 -28.35
CA THR A 102 4.94 -0.86 -27.94
C THR A 102 4.69 -0.13 -26.63
N ALA A 103 3.69 0.73 -26.62
CA ALA A 103 3.30 1.50 -25.46
C ALA A 103 2.11 0.87 -24.77
N PRO A 104 1.79 1.29 -23.55
CA PRO A 104 0.62 0.72 -22.87
C PRO A 104 -0.67 0.89 -23.65
N LEU A 105 -0.83 2.01 -24.36
CA LEU A 105 -2.04 2.22 -25.14
C LEU A 105 -2.24 1.11 -26.17
N HIS A 106 -1.16 0.70 -26.84
CA HIS A 106 -1.25 -0.46 -27.73
C HIS A 106 -1.79 -1.67 -26.99
N LEU A 107 -1.21 -1.98 -25.83
CA LEU A 107 -1.58 -3.19 -25.09
C LEU A 107 -3.01 -3.12 -24.59
N ALA A 108 -3.42 -1.96 -24.07
CA ALA A 108 -4.83 -1.77 -23.71
C ALA A 108 -5.72 -1.96 -24.92
N ALA A 109 -5.36 -1.33 -26.05
CA ALA A 109 -6.18 -1.41 -27.25
C ALA A 109 -6.29 -2.83 -27.75
N MET A 110 -5.24 -3.63 -27.59
CA MET A 110 -5.27 -5.01 -28.06
C MET A 110 -6.51 -5.74 -27.56
N TRP A 111 -6.76 -5.66 -26.26
CA TRP A 111 -7.82 -6.42 -25.62
C TRP A 111 -9.11 -5.62 -25.45
N GLY A 112 -9.23 -4.50 -26.16
CA GLY A 112 -10.43 -3.70 -26.03
C GLY A 112 -10.69 -3.19 -24.63
N HIS A 113 -9.63 -3.00 -23.84
CA HIS A 113 -9.74 -2.44 -22.48
C HIS A 113 -10.15 -0.97 -22.61
N LEU A 114 -11.45 -0.77 -22.85
CA LEU A 114 -11.98 0.54 -23.18
C LEU A 114 -11.63 1.58 -22.13
N GLU A 115 -11.96 1.30 -20.87
CA GLU A 115 -11.74 2.28 -19.82
C GLU A 115 -10.26 2.60 -19.62
N ILE A 116 -9.39 1.60 -19.82
CA ILE A 116 -7.96 1.84 -19.67
C ILE A 116 -7.45 2.74 -20.80
N VAL A 117 -7.85 2.46 -22.03
CA VAL A 117 -7.47 3.34 -23.14
C VAL A 117 -7.86 4.78 -22.80
N GLU A 118 -9.05 4.97 -22.25
CA GLU A 118 -9.51 6.31 -21.92
C GLU A 118 -8.66 6.94 -20.83
N VAL A 119 -8.29 6.17 -19.80
CA VAL A 119 -7.44 6.72 -18.76
C VAL A 119 -6.08 7.08 -19.32
N LEU A 120 -5.48 6.19 -20.10
CA LEU A 120 -4.20 6.47 -20.72
C LEU A 120 -4.25 7.75 -21.55
N LEU A 121 -5.31 7.93 -22.33
CA LEU A 121 -5.47 9.15 -23.10
C LEU A 121 -5.67 10.36 -22.20
N LYS A 122 -6.38 10.19 -21.09
CA LYS A 122 -6.53 11.28 -20.12
C LYS A 122 -5.19 11.72 -19.53
N ASN A 123 -4.22 10.81 -19.48
CA ASN A 123 -2.92 11.07 -18.85
C ASN A 123 -1.82 11.29 -19.88
N GLY A 124 -2.18 11.68 -21.10
CA GLY A 124 -1.19 12.08 -22.07
C GLY A 124 -0.70 11.00 -23.01
N ALA A 125 -1.41 9.88 -23.11
CA ALA A 125 -1.04 8.86 -24.09
C ALA A 125 -1.09 9.44 -25.50
N ASP A 126 -0.06 9.14 -26.29
CA ASP A 126 0.08 9.69 -27.64
C ASP A 126 -0.47 8.66 -28.62
N VAL A 127 -1.63 8.98 -29.22
CA VAL A 127 -2.27 8.05 -30.14
C VAL A 127 -1.45 7.83 -31.40
N ASN A 128 -0.50 8.73 -31.68
CA ASN A 128 0.28 8.64 -32.92
C ASN A 128 1.50 7.75 -32.80
N ILE A 129 1.79 7.21 -31.61
CA ILE A 129 2.95 6.34 -31.46
C ILE A 129 2.74 5.08 -32.27
N GLN A 130 3.77 4.70 -33.03
CA GLN A 130 3.77 3.47 -33.80
C GLN A 130 4.85 2.54 -33.27
N ASP A 131 4.54 1.24 -33.17
CA ASP A 131 5.58 0.27 -32.91
C ASP A 131 6.47 0.13 -34.15
N LYS A 132 7.46 -0.77 -34.06
CA LYS A 132 8.45 -0.86 -35.12
C LYS A 132 7.83 -1.20 -36.48
N PHE A 133 6.60 -1.72 -36.49
CA PHE A 133 5.93 -2.10 -37.73
C PHE A 133 4.82 -1.12 -38.10
N GLY A 134 4.91 0.12 -37.61
CA GLY A 134 4.00 1.17 -38.02
C GLY A 134 2.60 1.08 -37.45
N LYS A 135 2.36 0.23 -36.46
CA LYS A 135 1.02 0.01 -35.94
C LYS A 135 0.77 0.97 -34.79
N THR A 136 -0.22 1.85 -34.96
CA THR A 136 -0.74 2.61 -33.83
C THR A 136 -1.73 1.75 -33.03
N ALA A 137 -2.15 2.29 -31.88
CA ALA A 137 -3.21 1.62 -31.12
C ALA A 137 -4.51 1.58 -31.92
N PHE A 138 -4.84 2.66 -32.62
CA PHE A 138 -5.99 2.66 -33.51
C PHE A 138 -5.87 1.56 -34.55
N ASP A 139 -4.70 1.43 -35.18
CA ASP A 139 -4.50 0.35 -36.14
C ASP A 139 -4.77 -1.02 -35.51
N ILE A 140 -4.27 -1.23 -34.29
CA ILE A 140 -4.49 -2.50 -33.61
C ILE A 140 -5.99 -2.76 -33.44
N SER A 141 -6.73 -1.74 -33.01
CA SER A 141 -8.16 -1.91 -32.80
C SER A 141 -8.88 -2.24 -34.11
N ILE A 142 -8.44 -1.66 -35.22
CA ILE A 142 -8.99 -2.04 -36.52
C ILE A 142 -8.64 -3.48 -36.84
N ASP A 143 -7.37 -3.85 -36.66
CA ASP A 143 -6.93 -5.20 -36.99
C ASP A 143 -7.70 -6.24 -36.20
N ASN A 144 -8.02 -5.95 -34.94
CA ASN A 144 -8.74 -6.87 -34.08
C ASN A 144 -10.25 -6.76 -34.24
N GLY A 145 -10.72 -5.82 -35.05
CA GLY A 145 -12.16 -5.70 -35.28
C GLY A 145 -12.94 -5.10 -34.14
N ASN A 146 -12.33 -4.18 -33.39
CA ASN A 146 -12.97 -3.58 -32.22
C ASN A 146 -13.52 -2.22 -32.62
N GLU A 147 -14.81 -2.18 -32.92
CA GLU A 147 -15.43 -0.97 -33.47
C GLU A 147 -15.45 0.16 -32.45
N ASP A 148 -16.04 -0.08 -31.29
CA ASP A 148 -16.22 0.99 -30.32
C ASP A 148 -14.90 1.65 -29.97
N LEU A 149 -13.82 0.86 -29.91
CA LEU A 149 -12.52 1.39 -29.53
C LEU A 149 -11.94 2.28 -30.62
N ALA A 150 -12.18 1.93 -31.89
CA ALA A 150 -11.64 2.72 -32.99
C ALA A 150 -12.13 4.16 -32.92
N GLU A 151 -13.41 4.35 -32.61
CA GLU A 151 -13.96 5.69 -32.54
C GLU A 151 -13.24 6.56 -31.49
N ILE A 152 -12.82 5.94 -30.40
CA ILE A 152 -12.18 6.70 -29.32
C ILE A 152 -10.75 7.07 -29.70
N LEU A 153 -10.07 6.19 -30.40
CA LEU A 153 -8.70 6.42 -30.84
C LEU A 153 -8.64 7.15 -32.18
N GLN A 154 -9.76 7.35 -32.85
CA GLN A 154 -9.73 7.85 -34.22
C GLN A 154 -9.10 9.23 -34.28
N LYS A 155 -8.20 9.40 -35.25
CA LYS A 155 -7.65 10.68 -35.64
C LYS A 155 -8.36 11.14 -36.90
N LEU A 156 -8.60 12.45 -37.00
CA LEU A 156 -9.35 12.97 -38.13
C LEU A 156 -8.49 13.67 -39.17
N ASN A 157 -7.28 14.10 -38.82
CA ASN A 157 -6.41 14.83 -39.76
C ASN A 157 -5.03 14.19 -39.86
N ASP B 1 -12.65 15.88 -0.46
CA ASP B 1 -13.86 15.19 -0.90
C ASP B 1 -13.92 13.76 -0.36
N LEU B 2 -13.44 12.82 -1.16
CA LEU B 2 -13.58 11.41 -0.80
C LEU B 2 -12.68 11.03 0.36
N GLY B 3 -11.47 11.61 0.43
CA GLY B 3 -10.59 11.31 1.54
C GLY B 3 -11.22 11.70 2.87
N LYS B 4 -11.78 12.91 2.94
CA LYS B 4 -12.48 13.32 4.15
C LYS B 4 -13.61 12.34 4.50
N LYS B 5 -14.45 12.01 3.52
CA LYS B 5 -15.51 11.04 3.76
C LYS B 5 -14.95 9.70 4.22
N LEU B 6 -13.85 9.26 3.64
CA LEU B 6 -13.26 7.99 4.05
C LEU B 6 -12.75 8.05 5.48
N LEU B 7 -12.20 9.19 5.89
CA LEU B 7 -11.77 9.35 7.28
C LEU B 7 -12.97 9.21 8.22
N GLU B 8 -14.05 9.93 7.94
CA GLU B 8 -15.22 9.87 8.81
C GLU B 8 -15.87 8.50 8.80
N ALA B 9 -15.98 7.89 7.61
CA ALA B 9 -16.55 6.54 7.53
C ALA B 9 -15.74 5.57 8.37
N ALA B 10 -14.42 5.69 8.36
CA ALA B 10 -13.57 4.78 9.12
C ALA B 10 -13.70 5.04 10.62
N ARG B 11 -13.76 6.30 11.02
CA ARG B 11 -13.91 6.60 12.44
C ARG B 11 -15.28 6.18 12.96
N ALA B 12 -16.31 6.29 12.12
CA ALA B 12 -17.68 5.96 12.50
C ALA B 12 -17.99 4.47 12.40
N GLY B 13 -17.04 3.65 11.96
CA GLY B 13 -17.26 2.22 11.89
C GLY B 13 -18.18 1.76 10.78
N GLN B 14 -18.18 2.46 9.65
CA GLN B 14 -19.09 2.18 8.54
C GLN B 14 -18.35 1.34 7.52
N ASP B 15 -18.30 0.04 7.78
CA ASP B 15 -17.58 -0.88 6.89
C ASP B 15 -18.03 -0.73 5.45
N ASP B 16 -19.34 -0.68 5.22
CA ASP B 16 -19.85 -0.58 3.85
C ASP B 16 -19.40 0.72 3.19
N GLU B 17 -19.56 1.84 3.90
CA GLU B 17 -19.18 3.12 3.32
C GLU B 17 -17.69 3.20 3.04
N VAL B 18 -16.86 2.58 3.88
CA VAL B 18 -15.43 2.53 3.61
C VAL B 18 -15.16 1.82 2.30
N ARG B 19 -15.81 0.70 2.07
CA ARG B 19 -15.59 -0.05 0.83
C ARG B 19 -16.04 0.75 -0.38
N ILE B 20 -17.21 1.40 -0.29
CA ILE B 20 -17.71 2.19 -1.40
C ILE B 20 -16.74 3.30 -1.77
N LEU B 21 -16.35 4.11 -0.79
CA LEU B 21 -15.48 5.24 -1.05
C LEU B 21 -14.14 4.78 -1.64
N LEU B 22 -13.59 3.68 -1.11
CA LEU B 22 -12.39 3.11 -1.71
C LEU B 22 -12.64 2.68 -3.14
N ALA B 23 -13.80 2.08 -3.41
CA ALA B 23 -14.13 1.67 -4.77
C ALA B 23 -14.23 2.87 -5.72
N ASN B 24 -14.66 4.02 -5.19
CA ASN B 24 -14.73 5.25 -5.97
C ASN B 24 -13.42 6.04 -5.96
N GLY B 25 -12.32 5.40 -5.56
CA GLY B 25 -11.01 6.00 -5.70
C GLY B 25 -10.51 6.79 -4.52
N ALA B 26 -11.09 6.59 -3.34
CA ALA B 26 -10.65 7.33 -2.16
C ALA B 26 -9.22 6.98 -1.80
N ASP B 27 -8.42 7.99 -1.48
CA ASP B 27 -7.03 7.77 -1.07
C ASP B 27 -7.03 7.05 0.27
N VAL B 28 -6.67 5.76 0.25
CA VAL B 28 -6.66 4.95 1.46
C VAL B 28 -5.75 5.56 2.53
N ASN B 29 -4.77 6.36 2.11
CA ASN B 29 -3.81 6.97 3.03
C ASN B 29 -4.01 8.48 3.13
N THR B 30 -5.22 8.96 2.86
CA THR B 30 -5.53 10.35 3.13
C THR B 30 -5.29 10.69 4.59
N ALA B 31 -5.00 11.95 4.87
CA ALA B 31 -4.64 12.36 6.23
C ALA B 31 -5.27 13.71 6.55
N ASP B 32 -5.83 13.81 7.75
CA ASP B 32 -6.38 15.07 8.23
C ASP B 32 -5.23 15.97 8.67
N GLU B 33 -5.58 17.13 9.25
CA GLU B 33 -4.55 18.10 9.63
C GLU B 33 -3.59 17.55 10.68
N THR B 34 -4.10 16.76 11.62
CA THR B 34 -3.27 16.15 12.64
C THR B 34 -2.45 14.96 12.13
N GLY B 35 -2.64 14.57 10.88
CA GLY B 35 -1.89 13.47 10.31
C GLY B 35 -2.55 12.12 10.39
N PHE B 36 -3.80 12.06 10.86
CA PHE B 36 -4.47 10.77 11.04
C PHE B 36 -4.96 10.25 9.68
N THR B 37 -4.66 9.01 9.38
CA THR B 37 -5.21 8.31 8.23
C THR B 37 -6.42 7.48 8.63
N PRO B 38 -7.21 7.02 7.67
CA PRO B 38 -8.34 6.13 8.02
C PRO B 38 -7.90 4.96 8.91
N LEU B 39 -6.71 4.42 8.68
CA LEU B 39 -6.25 3.30 9.50
C LEU B 39 -5.96 3.75 10.93
N HIS B 40 -5.43 4.96 11.11
CA HIS B 40 -5.32 5.51 12.46
C HIS B 40 -6.68 5.48 13.16
N LEU B 41 -7.67 6.11 12.53
CA LEU B 41 -8.97 6.30 13.17
C LEU B 41 -9.69 4.97 13.41
N ALA B 42 -9.58 4.04 12.47
CA ALA B 42 -10.19 2.73 12.68
C ALA B 42 -9.54 2.01 13.85
N ALA B 43 -8.22 2.08 13.96
CA ALA B 43 -7.52 1.45 15.07
C ALA B 43 -7.88 2.09 16.40
N TRP B 44 -8.04 3.42 16.40
CA TRP B 44 -8.38 4.13 17.63
C TRP B 44 -9.78 3.76 18.11
N GLU B 45 -10.73 3.67 17.19
CA GLU B 45 -12.12 3.42 17.53
C GLU B 45 -12.42 1.92 17.70
N GLY B 46 -11.50 1.05 17.30
CA GLY B 46 -11.69 -0.37 17.50
C GLY B 46 -12.43 -1.09 16.39
N HIS B 47 -12.35 -0.60 15.15
CA HIS B 47 -13.12 -1.16 14.03
C HIS B 47 -12.21 -2.14 13.30
N LEU B 48 -12.21 -3.38 13.79
CA LEU B 48 -11.31 -4.39 13.24
C LEU B 48 -11.62 -4.68 11.77
N GLY B 49 -12.90 -4.80 11.42
CA GLY B 49 -13.22 -5.08 10.04
C GLY B 49 -12.71 -4.02 9.08
N ILE B 50 -12.81 -2.74 9.49
CA ILE B 50 -12.33 -1.66 8.64
C ILE B 50 -10.82 -1.68 8.55
N VAL B 51 -10.15 -1.93 9.67
CA VAL B 51 -8.69 -2.06 9.66
C VAL B 51 -8.26 -3.08 8.61
N GLU B 52 -8.94 -4.23 8.58
CA GLU B 52 -8.57 -5.28 7.64
C GLU B 52 -8.84 -4.84 6.20
N VAL B 53 -9.95 -4.14 5.99
CA VAL B 53 -10.26 -3.65 4.64
C VAL B 53 -9.22 -2.64 4.18
N LEU B 54 -8.91 -1.68 5.04
CA LEU B 54 -7.93 -0.67 4.69
C LEU B 54 -6.59 -1.29 4.34
N LEU B 55 -6.15 -2.25 5.16
CA LEU B 55 -4.88 -2.94 4.89
C LEU B 55 -4.95 -3.72 3.58
N LYS B 56 -6.09 -4.34 3.28
CA LYS B 56 -6.22 -5.05 2.02
C LYS B 56 -6.17 -4.07 0.84
N ASN B 57 -6.57 -2.83 1.06
CA ASN B 57 -6.60 -1.80 0.01
C ASN B 57 -5.34 -0.94 0.00
N GLY B 58 -4.27 -1.40 0.63
CA GLY B 58 -2.99 -0.74 0.53
C GLY B 58 -2.70 0.30 1.58
N ALA B 59 -3.37 0.26 2.72
CA ALA B 59 -3.16 1.26 3.75
C ALA B 59 -1.73 1.21 4.26
N ASP B 60 -1.17 2.38 4.57
CA ASP B 60 0.17 2.48 5.14
C ASP B 60 0.09 2.12 6.61
N VAL B 61 0.55 0.91 6.96
CA VAL B 61 0.40 0.41 8.31
C VAL B 61 1.26 1.18 9.32
N ASN B 62 2.30 1.86 8.84
CA ASN B 62 3.23 2.57 9.72
C ASN B 62 3.18 4.07 9.51
N ALA B 63 2.06 4.59 9.01
CA ALA B 63 1.87 6.02 8.90
C ALA B 63 1.97 6.69 10.27
N ASN B 64 2.73 7.79 10.33
CA ASN B 64 2.88 8.58 11.54
C ASN B 64 1.99 9.81 11.46
N ASP B 65 1.19 10.04 12.51
CA ASP B 65 0.52 11.33 12.64
C ASP B 65 1.55 12.38 13.09
N GLU B 66 1.08 13.62 13.24
CA GLU B 66 2.02 14.70 13.54
C GLU B 66 2.71 14.52 14.89
N ARG B 67 2.22 13.63 15.75
CA ARG B 67 2.88 13.31 17.01
C ARG B 67 3.78 12.09 16.90
N GLY B 68 3.89 11.49 15.72
CA GLY B 68 4.69 10.30 15.55
C GLY B 68 4.00 9.02 15.96
N HIS B 69 2.68 9.04 16.13
CA HIS B 69 1.92 7.86 16.53
C HIS B 69 1.50 7.08 15.30
N THR B 70 1.73 5.79 15.30
CA THR B 70 1.26 4.88 14.27
C THR B 70 -0.06 4.24 14.68
N PRO B 71 -0.76 3.60 13.75
CA PRO B 71 -1.96 2.85 14.14
C PRO B 71 -1.71 1.88 15.29
N LEU B 72 -0.51 1.31 15.38
CA LEU B 72 -0.20 0.38 16.45
C LEU B 72 -0.10 1.11 17.79
N HIS B 73 0.52 2.29 17.82
CA HIS B 73 0.46 3.12 19.02
C HIS B 73 -0.98 3.30 19.48
N LEU B 74 -1.86 3.67 18.54
CA LEU B 74 -3.23 4.00 18.88
C LEU B 74 -4.03 2.77 19.32
N ALA B 75 -3.85 1.65 18.63
CA ALA B 75 -4.49 0.42 19.07
C ALA B 75 -3.99 -0.01 20.45
N ALA B 76 -2.67 0.14 20.68
CA ALA B 76 -2.11 -0.24 21.97
C ALA B 76 -2.69 0.61 23.10
N TYR B 77 -2.76 1.93 22.89
CA TYR B 77 -3.28 2.83 23.91
C TYR B 77 -4.74 2.53 24.25
N THR B 78 -5.55 2.29 23.23
CA THR B 78 -6.98 2.05 23.42
C THR B 78 -7.29 0.60 23.76
N GLY B 79 -6.29 -0.27 23.81
CA GLY B 79 -6.50 -1.63 24.28
C GLY B 79 -7.27 -2.53 23.33
N HIS B 80 -7.11 -2.33 22.02
CA HIS B 80 -7.83 -3.12 21.00
C HIS B 80 -6.92 -4.25 20.55
N LEU B 81 -7.01 -5.37 21.26
CA LEU B 81 -6.06 -6.46 21.05
C LEU B 81 -6.12 -7.00 19.64
N GLU B 82 -7.33 -7.26 19.14
CA GLU B 82 -7.45 -7.85 17.81
C GLU B 82 -6.80 -6.96 16.75
N ILE B 83 -6.97 -5.64 16.87
CA ILE B 83 -6.36 -4.73 15.91
C ILE B 83 -4.85 -4.70 16.08
N VAL B 84 -4.36 -4.74 17.31
CA VAL B 84 -2.93 -4.87 17.53
C VAL B 84 -2.38 -6.06 16.77
N GLU B 85 -3.07 -7.20 16.87
CA GLU B 85 -2.62 -8.42 16.22
C GLU B 85 -2.59 -8.27 14.71
N VAL B 86 -3.65 -7.69 14.14
CA VAL B 86 -3.71 -7.53 12.70
C VAL B 86 -2.58 -6.63 12.22
N LEU B 87 -2.36 -5.51 12.91
CA LEU B 87 -1.30 -4.60 12.51
C LEU B 87 0.06 -5.29 12.56
N LEU B 88 0.35 -5.98 13.66
CA LEU B 88 1.60 -6.73 13.73
C LEU B 88 1.69 -7.76 12.62
N LYS B 89 0.58 -8.43 12.31
CA LYS B 89 0.55 -9.36 11.20
C LYS B 89 0.88 -8.68 9.87
N ASN B 90 0.54 -7.39 9.76
CA ASN B 90 0.80 -6.61 8.55
C ASN B 90 2.05 -5.75 8.69
N GLY B 91 3.04 -6.23 9.43
CA GLY B 91 4.33 -5.58 9.45
C GLY B 91 4.41 -4.29 10.22
N ALA B 92 3.45 -4.04 11.11
CA ALA B 92 3.53 -2.84 11.96
C ALA B 92 4.83 -2.84 12.75
N GLY B 93 5.47 -1.67 12.82
CA GLY B 93 6.67 -1.52 13.61
C GLY B 93 6.37 -1.65 15.10
N VAL B 94 6.79 -2.76 15.70
CA VAL B 94 6.44 -3.03 17.09
C VAL B 94 7.16 -2.10 18.06
N ASN B 95 8.32 -1.57 17.67
CA ASN B 95 9.12 -0.69 18.51
C ASN B 95 9.12 0.74 17.99
N ALA B 96 8.14 1.10 17.17
CA ALA B 96 8.05 2.46 16.66
C ALA B 96 7.90 3.46 17.79
N THR B 97 8.55 4.61 17.66
CA THR B 97 8.60 5.60 18.73
C THR B 97 7.99 6.92 18.26
N ASP B 98 7.19 7.53 19.13
CA ASP B 98 6.64 8.85 18.87
C ASP B 98 7.68 9.93 19.23
N VAL B 99 7.26 11.20 19.12
CA VAL B 99 8.25 12.28 19.08
C VAL B 99 9.10 12.33 20.35
N ILE B 100 8.69 11.65 21.42
CA ILE B 100 9.48 11.65 22.64
C ILE B 100 9.88 10.24 23.06
N GLY B 101 9.92 9.31 22.11
CA GLY B 101 10.46 8.00 22.36
C GLY B 101 9.49 6.97 22.93
N THR B 102 8.19 7.22 22.87
CA THR B 102 7.19 6.32 23.44
C THR B 102 6.82 5.26 22.41
N ALA B 103 6.99 4.00 22.79
CA ALA B 103 6.66 2.86 21.95
C ALA B 103 5.31 2.28 22.33
N PRO B 104 4.75 1.42 21.49
CA PRO B 104 3.44 0.83 21.82
C PRO B 104 3.44 0.08 23.15
N LEU B 105 4.56 -0.54 23.52
CA LEU B 105 4.63 -1.26 24.78
C LEU B 105 4.39 -0.32 25.95
N HIS B 106 4.96 0.89 25.89
CA HIS B 106 4.70 1.88 26.94
C HIS B 106 3.20 2.16 27.05
N LEU B 107 2.55 2.40 25.91
CA LEU B 107 1.15 2.79 25.92
C LEU B 107 0.25 1.66 26.38
N ALA B 108 0.55 0.42 25.97
CA ALA B 108 -0.18 -0.72 26.51
C ALA B 108 0.03 -0.82 28.01
N ALA B 109 1.28 -0.67 28.46
CA ALA B 109 1.59 -0.79 29.88
C ALA B 109 0.85 0.26 30.69
N MET B 110 0.61 1.43 30.12
CA MET B 110 -0.10 2.49 30.84
C MET B 110 -1.40 1.97 31.45
N TRP B 111 -2.22 1.33 30.63
CA TRP B 111 -3.57 0.95 30.98
C TRP B 111 -3.67 -0.50 31.43
N GLY B 112 -2.55 -1.12 31.77
CA GLY B 112 -2.58 -2.50 32.20
C GLY B 112 -3.17 -3.44 31.18
N HIS B 113 -3.03 -3.12 29.89
CA HIS B 113 -3.50 -3.96 28.79
C HIS B 113 -2.62 -5.22 28.72
N LEU B 114 -2.95 -6.17 29.59
CA LEU B 114 -2.06 -7.31 29.80
C LEU B 114 -1.91 -8.14 28.53
N GLU B 115 -3.02 -8.44 27.87
CA GLU B 115 -2.94 -9.30 26.69
C GLU B 115 -2.12 -8.64 25.60
N ILE B 116 -2.16 -7.31 25.50
CA ILE B 116 -1.45 -6.62 24.43
C ILE B 116 0.04 -6.57 24.70
N VAL B 117 0.44 -6.29 25.94
CA VAL B 117 1.87 -6.28 26.24
C VAL B 117 2.47 -7.65 25.96
N GLU B 118 1.72 -8.71 26.27
CA GLU B 118 2.20 -10.06 26.00
C GLU B 118 2.35 -10.30 24.50
N VAL B 119 1.39 -9.84 23.70
CA VAL B 119 1.50 -9.99 22.26
C VAL B 119 2.66 -9.17 21.72
N LEU B 120 2.81 -7.93 22.20
CA LEU B 120 3.86 -7.07 21.71
C LEU B 120 5.24 -7.68 21.96
N LEU B 121 5.44 -8.24 23.16
CA LEU B 121 6.74 -8.81 23.49
C LEU B 121 7.02 -10.06 22.65
N LYS B 122 5.99 -10.87 22.40
CA LYS B 122 6.13 -12.07 21.58
C LYS B 122 6.49 -11.72 20.14
N ASN B 123 6.13 -10.52 19.69
CA ASN B 123 6.41 -10.08 18.32
C ASN B 123 7.56 -9.07 18.28
N GLY B 124 8.45 -9.13 19.25
CA GLY B 124 9.70 -8.41 19.18
C GLY B 124 9.78 -7.10 19.92
N ALA B 125 8.79 -6.77 20.74
CA ALA B 125 8.87 -5.53 21.52
C ALA B 125 10.03 -5.59 22.49
N ASP B 126 10.77 -4.48 22.60
CA ASP B 126 11.96 -4.39 23.42
C ASP B 126 11.57 -3.80 24.77
N VAL B 127 11.64 -4.63 25.82
CA VAL B 127 11.25 -4.15 27.15
C VAL B 127 12.16 -3.05 27.64
N ASN B 128 13.36 -2.94 27.09
CA ASN B 128 14.37 -2.02 27.58
C ASN B 128 14.27 -0.62 26.98
N ILE B 129 13.35 -0.41 26.03
CA ILE B 129 13.24 0.91 25.41
C ILE B 129 12.78 1.93 26.44
N GLN B 130 13.42 3.09 26.44
CA GLN B 130 13.08 4.19 27.34
C GLN B 130 12.64 5.39 26.51
N ASP B 131 11.60 6.07 26.97
CA ASP B 131 11.26 7.37 26.40
C ASP B 131 12.33 8.39 26.80
N LYS B 132 12.11 9.65 26.39
CA LYS B 132 13.13 10.67 26.61
C LYS B 132 13.47 10.86 28.09
N PHE B 133 12.59 10.44 29.00
CA PHE B 133 12.79 10.60 30.42
C PHE B 133 13.18 9.30 31.11
N GLY B 134 13.75 8.37 30.35
CA GLY B 134 14.30 7.14 30.91
C GLY B 134 13.29 6.12 31.38
N LYS B 135 12.02 6.28 31.03
CA LYS B 135 10.96 5.42 31.55
C LYS B 135 10.78 4.22 30.63
N THR B 136 11.03 3.02 31.18
CA THR B 136 10.61 1.81 30.50
C THR B 136 9.12 1.54 30.73
N ALA B 137 8.59 0.53 30.04
CA ALA B 137 7.23 0.11 30.32
C ALA B 137 7.08 -0.35 31.78
N PHE B 138 8.10 -1.04 32.29
CA PHE B 138 8.11 -1.42 33.70
C PHE B 138 7.99 -0.20 34.61
N ASP B 139 8.79 0.83 34.34
CA ASP B 139 8.72 2.05 35.15
C ASP B 139 7.32 2.62 35.14
N ILE B 140 6.67 2.63 33.97
CA ILE B 140 5.32 3.17 33.86
C ILE B 140 4.36 2.39 34.76
N SER B 141 4.45 1.06 34.73
CA SER B 141 3.54 0.26 35.55
C SER B 141 3.75 0.53 37.03
N ILE B 142 4.99 0.79 37.44
CA ILE B 142 5.26 1.16 38.82
C ILE B 142 4.64 2.52 39.14
N ASP B 143 4.90 3.51 38.29
CA ASP B 143 4.37 4.84 38.52
C ASP B 143 2.85 4.85 38.60
N ASN B 144 2.20 3.97 37.83
CA ASN B 144 0.75 3.87 37.82
C ASN B 144 0.22 2.94 38.91
N GLY B 145 1.10 2.29 39.66
CA GLY B 145 0.65 1.39 40.70
C GLY B 145 0.07 0.10 40.21
N ASN B 146 0.56 -0.43 39.08
CA ASN B 146 0.03 -1.65 38.49
C ASN B 146 0.92 -2.81 38.95
N GLU B 147 0.48 -3.49 40.00
CA GLU B 147 1.30 -4.57 40.58
C GLU B 147 1.50 -5.71 39.59
N ASP B 148 0.40 -6.28 39.11
CA ASP B 148 0.49 -7.48 38.27
C ASP B 148 1.39 -7.26 37.06
N LEU B 149 1.27 -6.10 36.43
CA LEU B 149 2.06 -5.82 35.24
C LEU B 149 3.53 -5.62 35.59
N ALA B 150 3.80 -4.96 36.72
CA ALA B 150 5.18 -4.70 37.13
C ALA B 150 5.95 -6.00 37.35
N GLU B 151 5.33 -6.97 38.02
CA GLU B 151 5.99 -8.24 38.25
C GLU B 151 6.34 -8.95 36.95
N ILE B 152 5.51 -8.76 35.91
CA ILE B 152 5.71 -9.46 34.65
C ILE B 152 6.78 -8.79 33.80
N LEU B 153 6.89 -7.48 33.87
CA LEU B 153 7.83 -6.73 33.05
C LEU B 153 9.23 -6.70 33.65
N GLN B 154 9.46 -7.42 34.74
CA GLN B 154 10.80 -7.53 35.32
C GLN B 154 11.32 -8.96 35.15
N LYS C 1 6.31 -10.46 -35.36
CA LYS C 1 7.09 -10.77 -34.16
C LYS C 1 6.20 -11.24 -33.01
N ARG C 2 6.67 -12.25 -32.28
CA ARG C 2 6.07 -12.66 -31.02
C ARG C 2 6.89 -12.03 -29.90
N ILE C 3 6.25 -11.21 -29.07
CA ILE C 3 6.90 -10.54 -27.95
C ILE C 3 6.27 -11.07 -26.67
N HIS C 4 7.07 -11.76 -25.86
CA HIS C 4 6.60 -12.23 -24.57
C HIS C 4 6.31 -11.07 -23.63
N ILE C 5 5.31 -11.23 -22.78
CA ILE C 5 4.91 -10.20 -21.84
C ILE C 5 4.41 -10.88 -20.56
N GLY C 6 4.88 -10.37 -19.43
CA GLY C 6 4.51 -10.92 -18.15
C GLY C 6 5.41 -12.05 -17.71
N PRO C 7 5.21 -12.51 -16.47
CA PRO C 7 6.07 -13.57 -15.94
C PRO C 7 5.68 -14.97 -16.35
N GLY C 8 4.64 -15.14 -17.16
CA GLY C 8 4.18 -16.45 -17.57
C GLY C 8 4.64 -16.80 -18.97
N ARG C 9 3.74 -17.38 -19.75
CA ARG C 9 4.02 -17.80 -21.12
C ARG C 9 3.27 -16.95 -22.14
N ALA C 10 2.70 -15.83 -21.72
CA ALA C 10 1.93 -14.98 -22.61
C ALA C 10 2.85 -14.21 -23.56
N PHE C 11 2.31 -13.86 -24.72
CA PHE C 11 3.04 -13.07 -25.70
C PHE C 11 2.02 -12.33 -26.57
N TYR C 12 2.33 -11.09 -26.91
CA TYR C 12 1.58 -10.33 -27.89
C TYR C 12 2.32 -10.35 -29.23
N THR C 13 1.59 -10.09 -30.30
CA THR C 13 2.17 -10.07 -31.63
C THR C 13 1.90 -8.74 -32.33
N THR C 14 2.87 -8.31 -33.14
CA THR C 14 2.66 -7.19 -34.06
C THR C 14 3.43 -7.52 -35.34
N DPR C 15 2.78 -7.44 -36.50
CA DPR C 15 3.59 -7.90 -37.63
CB DPR C 15 2.70 -7.63 -38.85
CG DPR C 15 1.85 -6.39 -38.38
CD DPR C 15 1.57 -6.69 -36.90
C DPR C 15 3.94 -9.37 -37.50
O DPR C 15 3.08 -10.18 -37.13
HB2 DPR C 15 2.13 -8.40 -39.03
HB3 DPR C 15 3.23 -7.42 -39.62
HG2 DPR C 15 1.02 -6.34 -38.89
HG3 DPR C 15 2.35 -5.57 -38.50
HD2 DPR C 15 1.48 -5.86 -36.40
HD3 DPR C 15 0.77 -7.23 -36.80
N PRO C 16 5.21 -9.71 -37.76
CA PRO C 16 5.75 -11.09 -37.74
C PRO C 16 6.23 -11.50 -36.34
N LYS D 1 5.80 16.10 30.76
CA LYS D 1 5.26 16.51 29.46
C LYS D 1 3.89 15.91 29.22
N ARG D 2 2.98 16.70 28.66
CA ARG D 2 1.70 16.20 28.18
C ARG D 2 1.83 15.92 26.68
N ILE D 3 1.57 14.67 26.28
CA ILE D 3 1.62 14.25 24.88
C ILE D 3 0.21 13.88 24.46
N HIS D 4 -0.35 14.61 23.50
CA HIS D 4 -1.67 14.28 22.99
C HIS D 4 -1.61 13.01 22.14
N ILE D 5 -2.68 12.23 22.20
CA ILE D 5 -2.76 10.98 21.46
C ILE D 5 -4.21 10.78 21.02
N GLY D 6 -4.38 10.37 19.77
CA GLY D 6 -5.70 10.15 19.23
C GLY D 6 -6.33 11.40 18.65
N PRO D 7 -7.48 11.22 17.98
CA PRO D 7 -8.13 12.36 17.33
C PRO D 7 -8.98 13.21 18.26
N GLY D 8 -9.09 12.86 19.53
CA GLY D 8 -9.83 13.63 20.52
C GLY D 8 -8.92 14.54 21.32
N ARG D 9 -9.22 14.66 22.61
CA ARG D 9 -8.44 15.48 23.51
C ARG D 9 -7.68 14.64 24.54
N ALA D 10 -7.59 13.33 24.33
CA ALA D 10 -6.82 12.48 25.24
C ALA D 10 -5.32 12.78 25.13
N PHE D 11 -4.62 12.56 26.23
CA PHE D 11 -3.18 12.77 26.27
C PHE D 11 -2.59 11.90 27.37
N TYR D 12 -1.40 11.36 27.10
CA TYR D 12 -0.61 10.66 28.10
C TYR D 12 0.51 11.58 28.60
N THR D 13 1.06 11.24 29.76
CA THR D 13 2.13 12.04 30.35
C THR D 13 3.34 11.16 30.63
N THR D 14 4.53 11.75 30.52
CA THR D 14 5.76 11.11 30.97
C THR D 14 6.65 12.18 31.60
N DPR D 15 7.07 11.99 32.86
CA DPR D 15 7.76 13.17 33.42
CB DPR D 15 8.17 12.69 34.81
CG DPR D 15 8.42 11.16 34.59
CD DPR D 15 7.30 10.75 33.62
C DPR D 15 6.83 14.39 33.47
O DPR D 15 5.69 14.27 33.92
HB2 DPR D 15 7.46 12.85 35.46
HB3 DPR D 15 8.99 13.15 35.10
HG2 DPR D 15 8.35 10.68 35.42
HG3 DPR D 15 9.31 11.01 34.20
HD2 DPR D 15 7.60 10.04 33.04
HD3 DPR D 15 6.51 10.48 34.10
N PRO D 16 7.33 15.53 33.00
CA PRO D 16 6.62 16.82 33.03
C PRO D 16 5.74 17.07 31.81
#